data_8QB1
#
_entry.id   8QB1
#
_cell.length_a   81.445
_cell.length_b   81.445
_cell.length_c   66.553
_cell.angle_alpha   90
_cell.angle_beta   90
_cell.angle_gamma   120
#
_symmetry.space_group_name_H-M   'P 31'
#
loop_
_entity.id
_entity.type
_entity.pdbx_description
1 polymer Mirolase
2 non-polymer 'CHLORIDE ION'
3 non-polymer DI(HYDROXYETHYL)ETHER
4 non-polymer 'POTASSIUM ION'
5 water water
#
_entity_poly.entity_id   1
_entity_poly.type   'polypeptide(L)'
_entity_poly.pdbx_seq_one_letter_code
;GSLTLSPNPATDVVTLQLTETDEVSGLSVLSTERSAYEIQIWSG(MSE)R(MSE)LRSFRTNEPTFQIP(MSE)AGLPAG
LYFVRVVKNGQTYTQKLIKK
;
_entity_poly.pdbx_strand_id   A,B,C,D,E,F
#
loop_
_chem_comp.id
_chem_comp.type
_chem_comp.name
_chem_comp.formula
CL non-polymer 'CHLORIDE ION' 'Cl -1'
K non-polymer 'POTASSIUM ION' 'K 1'
PEG non-polymer DI(HYDROXYETHYL)ETHER 'C4 H10 O3'
#
# COMPACT_ATOMS: atom_id res chain seq x y z
N GLY A 1 -16.71 11.88 -3.32
CA GLY A 1 -15.87 12.93 -2.78
C GLY A 1 -14.56 12.42 -2.21
N SER A 2 -13.46 13.16 -2.45
CA SER A 2 -12.16 12.70 -1.95
C SER A 2 -11.35 13.82 -1.30
N LEU A 3 -10.56 13.47 -0.28
CA LEU A 3 -9.69 14.41 0.41
C LEU A 3 -8.20 14.10 0.23
N THR A 4 -7.41 15.09 -0.22
CA THR A 4 -5.97 14.92 -0.36
C THR A 4 -5.24 16.03 0.40
N LEU A 5 -4.21 15.68 1.17
CA LEU A 5 -3.43 16.65 1.95
C LEU A 5 -1.98 16.60 1.44
N SER A 6 -1.40 17.75 1.09
CA SER A 6 -0.04 17.84 0.55
C SER A 6 0.73 19.02 1.15
N PRO A 7 2.02 18.86 1.41
CA PRO A 7 2.79 17.61 1.36
C PRO A 7 2.59 16.77 2.62
N ASN A 8 3.20 15.60 2.64
CA ASN A 8 3.16 14.69 3.77
C ASN A 8 4.63 14.43 4.11
N PRO A 9 5.10 14.75 5.33
CA PRO A 9 4.36 15.31 6.46
C PRO A 9 4.10 16.81 6.37
N ALA A 10 3.22 17.30 7.24
CA ALA A 10 2.82 18.70 7.29
C ALA A 10 3.94 19.61 7.77
N THR A 11 4.08 20.74 7.06
CA THR A 11 5.01 21.83 7.39
C THR A 11 4.11 23.00 7.95
N ASP A 12 4.47 24.29 7.77
CA ASP A 12 3.64 25.39 8.24
C ASP A 12 2.34 25.54 7.44
N VAL A 13 2.33 25.07 6.18
CA VAL A 13 1.14 25.18 5.33
C VAL A 13 0.81 23.82 4.74
N VAL A 14 -0.44 23.35 4.90
CA VAL A 14 -0.88 22.08 4.35
C VAL A 14 -1.86 22.42 3.26
N THR A 15 -1.63 21.97 2.03
CA THR A 15 -2.61 22.19 0.96
C THR A 15 -3.66 21.08 1.06
N LEU A 16 -4.91 21.46 1.19
CA LEU A 16 -6.02 20.51 1.24
C LEU A 16 -6.70 20.56 -0.14
N GLN A 17 -7.05 19.41 -0.70
CA GLN A 17 -7.80 19.37 -1.96
C GLN A 17 -8.99 18.48 -1.81
N LEU A 18 -10.17 19.01 -2.15
CA LEU A 18 -11.43 18.29 -2.10
C LEU A 18 -11.92 18.12 -3.53
N THR A 19 -11.64 16.98 -4.16
CA THR A 19 -12.08 16.76 -5.54
C THR A 19 -13.35 15.92 -5.62
N GLU A 20 -14.12 16.08 -6.71
CA GLU A 20 -15.30 15.25 -6.93
C GLU A 20 -14.86 14.14 -7.87
N THR A 21 -15.24 12.90 -7.56
CA THR A 21 -14.89 11.79 -8.42
C THR A 21 -15.96 11.77 -9.52
N ASP A 22 -15.54 11.97 -10.78
CA ASP A 22 -16.49 11.98 -11.90
C ASP A 22 -17.18 10.61 -12.01
N GLU A 23 -18.52 10.63 -12.04
CA GLU A 23 -19.29 9.38 -12.11
C GLU A 23 -19.10 8.61 -13.40
N VAL A 24 -18.61 9.25 -14.47
CA VAL A 24 -18.40 8.54 -15.73
C VAL A 24 -16.97 8.01 -15.85
N SER A 25 -15.97 8.90 -15.79
CA SER A 25 -14.55 8.60 -16.00
C SER A 25 -13.81 8.08 -14.77
N GLY A 26 -14.33 8.35 -13.58
CA GLY A 26 -13.62 7.97 -12.36
C GLY A 26 -12.43 8.89 -12.04
N LEU A 27 -12.25 9.95 -12.82
CA LEU A 27 -11.17 10.92 -12.62
C LEU A 27 -11.55 12.02 -11.63
N SER A 28 -10.54 12.66 -11.03
CA SER A 28 -10.77 13.66 -10.01
C SER A 28 -10.96 15.03 -10.64
N VAL A 29 -12.13 15.63 -10.40
CA VAL A 29 -12.49 16.92 -10.96
C VAL A 29 -12.36 18.04 -9.92
N LEU A 30 -11.80 19.19 -10.31
CA LEU A 30 -11.78 20.38 -9.45
C LEU A 30 -13.06 21.08 -9.87
N SER A 31 -14.15 20.83 -9.13
CA SER A 31 -15.46 21.34 -9.54
C SER A 31 -15.66 22.83 -9.37
N THR A 32 -16.47 23.42 -10.27
CA THR A 32 -16.80 24.85 -10.14
C THR A 32 -18.00 25.06 -9.18
N GLU A 33 -18.61 23.97 -8.64
CA GLU A 33 -19.73 24.09 -7.70
C GLU A 33 -19.35 24.97 -6.51
N ARG A 34 -18.13 24.79 -5.99
CA ARG A 34 -17.61 25.62 -4.90
C ARG A 34 -18.60 25.80 -3.74
N SER A 35 -19.12 24.67 -3.25
CA SER A 35 -20.05 24.61 -2.15
C SER A 35 -19.24 24.84 -0.86
N ALA A 36 -19.86 25.50 0.12
CA ALA A 36 -19.17 25.78 1.36
C ALA A 36 -18.88 24.51 2.15
N TYR A 37 -17.77 24.52 2.85
CA TYR A 37 -17.43 23.42 3.72
C TYR A 37 -16.58 23.91 4.94
N GLU A 38 -16.37 23.04 5.89
CA GLU A 38 -15.66 23.36 7.11
C GLU A 38 -14.48 22.42 7.22
N ILE A 39 -13.32 22.97 7.51
CA ILE A 39 -12.11 22.17 7.72
C ILE A 39 -11.84 22.24 9.24
N GLN A 40 -11.66 21.12 9.91
CA GLN A 40 -11.38 21.09 11.32
C GLN A 40 -10.02 20.46 11.53
N ILE A 41 -9.22 21.06 12.41
CA ILE A 41 -7.94 20.50 12.78
C ILE A 41 -8.08 19.97 14.19
N TRP A 42 -7.86 18.66 14.37
CA TRP A 42 -8.01 17.97 15.64
C TRP A 42 -6.69 17.44 16.17
N SER A 43 -6.55 17.41 17.49
CA SER A 43 -5.42 16.73 18.13
C SER A 43 -5.80 16.42 19.55
N GLY A 44 -5.46 15.22 20.00
CA GLY A 44 -5.80 14.81 21.37
C GLY A 44 -7.29 14.89 21.67
N MSE A 45 -8.13 14.52 20.68
CA MSE A 45 -9.59 14.54 20.78
C MSE A 45 -10.17 15.91 21.09
O MSE A 45 -11.20 16.03 21.75
CB MSE A 45 -10.11 13.48 21.76
CG MSE A 45 -9.75 12.06 21.36
SE MSE A 45 -10.76 11.56 19.78
CE MSE A 45 -12.55 11.41 20.60
N ARG A 46 -9.52 16.95 20.59
CA ARG A 46 -9.92 18.33 20.73
C ARG A 46 -9.88 19.04 19.38
N MSE A 47 -10.91 19.80 19.05
CA MSE A 47 -10.94 20.56 17.82
CA MSE A 47 -10.90 20.57 17.82
C MSE A 47 -10.20 21.88 18.14
O MSE A 47 -10.71 22.69 18.91
CB MSE A 47 -12.39 20.82 17.44
CB MSE A 47 -12.29 20.81 17.27
CG MSE A 47 -12.60 20.84 15.95
CG MSE A 47 -12.24 21.09 15.78
SE MSE A 47 -12.05 22.50 15.23
SE MSE A 47 -13.68 22.18 15.20
CE MSE A 47 -13.64 23.53 15.79
CE MSE A 47 -13.31 23.73 16.30
N LEU A 48 -8.99 22.05 17.60
CA LEU A 48 -8.14 23.21 17.89
C LEU A 48 -8.41 24.41 17.07
N ARG A 49 -8.71 24.22 15.77
CA ARG A 49 -8.99 25.32 14.89
C ARG A 49 -9.83 24.86 13.73
N SER A 50 -10.63 25.74 13.19
CA SER A 50 -11.47 25.43 12.04
C SER A 50 -11.33 26.54 11.02
N PHE A 51 -11.61 26.22 9.77
CA PHE A 51 -11.56 27.18 8.66
C PHE A 51 -12.81 26.94 7.82
N ARG A 52 -13.38 27.99 7.26
CA ARG A 52 -14.55 27.85 6.41
C ARG A 52 -14.26 28.45 5.05
N THR A 53 -14.54 27.70 4.00
CA THR A 53 -14.25 28.16 2.65
C THR A 53 -15.20 27.51 1.62
N ASN A 54 -15.24 28.07 0.44
CA ASN A 54 -15.93 27.50 -0.72
C ASN A 54 -14.90 26.94 -1.74
N GLU A 55 -13.59 27.17 -1.52
CA GLU A 55 -12.54 26.77 -2.42
C GLU A 55 -12.21 25.31 -2.26
N PRO A 56 -12.29 24.50 -3.36
CA PRO A 56 -11.90 23.10 -3.25
C PRO A 56 -10.40 22.92 -2.94
N THR A 57 -9.58 23.91 -3.25
CA THR A 57 -8.16 23.87 -2.92
C THR A 57 -7.92 24.95 -1.89
N PHE A 58 -7.45 24.55 -0.71
CA PHE A 58 -7.26 25.50 0.39
C PHE A 58 -5.97 25.29 1.15
N GLN A 59 -5.21 26.36 1.38
CA GLN A 59 -3.98 26.25 2.16
C GLN A 59 -4.32 26.42 3.65
N ILE A 60 -4.09 25.36 4.43
CA ILE A 60 -4.34 25.38 5.86
C ILE A 60 -3.10 25.91 6.58
N PRO A 61 -3.22 27.02 7.29
CA PRO A 61 -2.10 27.47 8.12
C PRO A 61 -2.03 26.63 9.40
N MSE A 62 -0.92 25.91 9.56
CA MSE A 62 -0.66 25.14 10.76
C MSE A 62 0.25 25.91 11.74
O MSE A 62 0.72 25.33 12.72
CB MSE A 62 0.00 23.80 10.40
CG MSE A 62 -0.84 22.96 9.48
SE MSE A 62 -2.41 22.27 10.35
CE MSE A 62 -1.59 20.75 11.33
N ALA A 63 0.49 27.24 11.49
CA ALA A 63 1.32 28.10 12.33
C ALA A 63 0.80 28.09 13.74
N GLY A 64 1.70 27.96 14.70
CA GLY A 64 1.33 27.92 16.09
C GLY A 64 1.02 26.55 16.64
N LEU A 65 0.94 25.51 15.77
CA LEU A 65 0.67 24.15 16.22
C LEU A 65 1.96 23.35 16.39
N PRO A 66 2.16 22.67 17.52
CA PRO A 66 3.41 21.93 17.72
C PRO A 66 3.46 20.63 16.91
N ALA A 67 4.65 20.04 16.80
CA ALA A 67 4.81 18.77 16.10
C ALA A 67 3.96 17.68 16.76
N GLY A 68 3.42 16.78 15.95
CA GLY A 68 2.63 15.69 16.49
C GLY A 68 1.57 15.13 15.56
N LEU A 69 0.69 14.33 16.15
CA LEU A 69 -0.37 13.66 15.44
C LEU A 69 -1.63 14.51 15.42
N TYR A 70 -2.11 14.82 14.22
CA TYR A 70 -3.33 15.58 13.99
C TYR A 70 -4.30 14.77 13.14
N PHE A 71 -5.55 15.22 13.09
CA PHE A 71 -6.54 14.67 12.18
C PHE A 71 -7.17 15.86 11.49
N VAL A 72 -7.29 15.80 10.18
CA VAL A 72 -7.93 16.85 9.42
C VAL A 72 -9.30 16.32 9.05
N ARG A 73 -10.34 17.05 9.40
CA ARG A 73 -11.69 16.63 9.11
C ARG A 73 -12.44 17.65 8.26
N VAL A 74 -13.04 17.22 7.16
CA VAL A 74 -13.83 18.10 6.32
C VAL A 74 -15.30 17.75 6.55
N VAL A 75 -16.15 18.75 6.81
CA VAL A 75 -17.59 18.54 6.96
C VAL A 75 -18.24 19.28 5.79
N LYS A 76 -18.81 18.54 4.84
CA LYS A 76 -19.40 19.15 3.64
C LYS A 76 -20.74 18.53 3.30
N ASN A 77 -21.83 19.30 3.40
CA ASN A 77 -23.18 18.83 3.08
C ASN A 77 -23.53 17.53 3.81
N GLY A 78 -23.29 17.50 5.12
CA GLY A 78 -23.56 16.32 5.94
C GLY A 78 -22.49 15.26 5.91
N GLN A 79 -21.74 15.16 4.80
CA GLN A 79 -20.67 14.17 4.62
C GLN A 79 -19.39 14.59 5.32
N THR A 80 -18.70 13.64 5.99
CA THR A 80 -17.42 13.95 6.63
C THR A 80 -16.31 13.11 6.05
N TYR A 81 -15.12 13.67 5.98
CA TYR A 81 -13.91 13.00 5.51
C TYR A 81 -12.87 13.30 6.57
N THR A 82 -12.21 12.29 7.13
CA THR A 82 -11.22 12.50 8.18
C THR A 82 -9.95 11.79 7.81
N GLN A 83 -8.80 12.47 7.95
CA GLN A 83 -7.53 11.86 7.63
C GLN A 83 -6.45 12.20 8.65
N LYS A 84 -5.64 11.22 9.05
CA LYS A 84 -4.51 11.42 9.95
C LYS A 84 -3.47 12.26 9.22
N LEU A 85 -2.91 13.25 9.90
CA LEU A 85 -1.90 14.15 9.39
C LEU A 85 -0.80 14.30 10.43
N ILE A 86 0.46 14.02 10.05
CA ILE A 86 1.58 14.16 10.97
C ILE A 86 2.24 15.51 10.72
N LYS A 87 2.40 16.33 11.77
CA LYS A 87 3.09 17.60 11.63
C LYS A 87 4.52 17.43 12.14
N LYS A 88 5.51 17.74 11.30
CA LYS A 88 6.90 17.62 11.70
C LYS A 88 7.46 18.96 12.21
N GLY B 1 -3.97 20.28 -21.46
CA GLY B 1 -3.32 20.59 -20.19
C GLY B 1 -3.55 22.01 -19.75
N SER B 2 -3.49 22.24 -18.44
CA SER B 2 -3.72 23.57 -17.86
C SER B 2 -3.09 23.68 -16.46
N LEU B 3 -2.88 24.92 -16.00
CA LEU B 3 -2.30 25.15 -14.69
C LEU B 3 -3.29 25.81 -13.79
N THR B 4 -3.32 25.38 -12.53
CA THR B 4 -4.11 26.06 -11.55
C THR B 4 -3.16 26.53 -10.45
N LEU B 5 -3.26 27.80 -10.06
CA LEU B 5 -2.44 28.36 -8.98
C LEU B 5 -3.40 28.87 -7.89
N SER B 6 -3.14 28.50 -6.63
CA SER B 6 -4.01 28.90 -5.50
C SER B 6 -3.14 29.23 -4.30
N PRO B 7 -3.44 30.30 -3.56
CA PRO B 7 -4.48 31.30 -3.84
C PRO B 7 -4.02 32.35 -4.85
N ASN B 8 -4.92 33.24 -5.24
CA ASN B 8 -4.65 34.36 -6.12
C ASN B 8 -5.11 35.57 -5.34
N PRO B 9 -4.23 36.54 -5.02
CA PRO B 9 -2.80 36.61 -5.35
C PRO B 9 -1.93 35.69 -4.49
N ALA B 10 -0.72 35.42 -4.96
CA ALA B 10 0.20 34.53 -4.26
C ALA B 10 0.75 35.19 -3.00
N THR B 11 0.92 34.39 -1.96
CA THR B 11 1.51 34.83 -0.70
C THR B 11 2.96 34.23 -0.68
N ASP B 12 3.51 33.81 0.48
CA ASP B 12 4.83 33.18 0.51
C ASP B 12 4.81 31.75 -0.06
N VAL B 13 3.63 31.11 -0.14
CA VAL B 13 3.52 29.76 -0.67
C VAL B 13 2.35 29.75 -1.67
N VAL B 14 2.60 29.29 -2.90
CA VAL B 14 1.53 29.19 -3.88
C VAL B 14 1.41 27.74 -4.29
N THR B 15 0.19 27.19 -4.24
CA THR B 15 -0.02 25.82 -4.63
C THR B 15 -0.21 25.75 -6.13
N LEU B 16 0.65 24.98 -6.82
CA LEU B 16 0.50 24.74 -8.24
C LEU B 16 -0.18 23.39 -8.37
N GLN B 17 -1.09 23.25 -9.36
CA GLN B 17 -1.74 21.98 -9.64
C GLN B 17 -1.73 21.78 -11.14
N LEU B 18 -1.31 20.59 -11.60
CA LEU B 18 -1.36 20.29 -13.03
C LEU B 18 -2.74 19.78 -13.36
N THR B 19 -3.52 20.58 -14.08
CA THR B 19 -4.88 20.19 -14.44
C THR B 19 -5.01 19.92 -15.97
N GLU B 20 -6.19 19.52 -16.45
CA GLU B 20 -6.41 19.26 -17.87
C GLU B 20 -7.91 19.42 -18.17
N THR B 21 -8.25 19.82 -19.39
CA THR B 21 -9.66 19.95 -19.77
C THR B 21 -10.05 18.60 -20.34
N ASP B 22 -10.98 17.91 -19.68
CA ASP B 22 -11.39 16.59 -20.13
C ASP B 22 -12.03 16.66 -21.55
N GLU B 23 -11.59 15.79 -22.46
CA GLU B 23 -12.08 15.80 -23.85
C GLU B 23 -13.53 15.34 -24.00
N VAL B 24 -14.08 14.66 -23.00
CA VAL B 24 -15.46 14.18 -23.07
C VAL B 24 -16.40 15.16 -22.36
N SER B 25 -16.08 15.50 -21.11
CA SER B 25 -16.97 16.31 -20.28
C SER B 25 -16.73 17.81 -20.33
N GLY B 26 -15.55 18.23 -20.75
CA GLY B 26 -15.19 19.65 -20.77
C GLY B 26 -14.85 20.23 -19.41
N LEU B 27 -14.83 19.38 -18.35
CA LEU B 27 -14.54 19.82 -16.99
C LEU B 27 -13.04 19.82 -16.67
N SER B 28 -12.66 20.53 -15.61
CA SER B 28 -11.26 20.62 -15.21
CA SER B 28 -11.26 20.63 -15.17
C SER B 28 -10.87 19.43 -14.31
N VAL B 29 -10.02 18.55 -14.82
CA VAL B 29 -9.56 17.37 -14.11
C VAL B 29 -8.16 17.59 -13.51
N LEU B 30 -7.94 17.08 -12.30
CA LEU B 30 -6.64 17.11 -11.63
C LEU B 30 -5.90 15.82 -12.08
N SER B 31 -4.78 15.94 -12.82
CA SER B 31 -4.01 14.80 -13.33
C SER B 31 -3.25 13.97 -12.27
N THR B 32 -2.83 12.72 -12.61
CA THR B 32 -2.02 11.77 -11.82
C THR B 32 -0.73 11.31 -12.66
N GLU B 33 -0.23 10.00 -12.58
CA GLU B 33 0.92 9.42 -13.33
C GLU B 33 2.31 9.86 -12.76
N ARG B 34 2.33 11.03 -12.10
CA ARG B 34 3.51 11.61 -11.46
C ARG B 34 4.75 11.61 -12.36
N SER B 35 4.61 12.14 -13.57
CA SER B 35 5.71 12.30 -14.51
C SER B 35 6.49 13.54 -14.10
N ALA B 36 7.80 13.51 -14.28
CA ALA B 36 8.62 14.65 -13.91
C ALA B 36 8.31 15.86 -14.76
N TYR B 37 8.45 17.03 -14.14
CA TYR B 37 8.30 18.29 -14.82
C TYR B 37 9.11 19.38 -14.09
N GLU B 38 9.23 20.51 -14.75
CA GLU B 38 9.98 21.64 -14.27
C GLU B 38 9.01 22.81 -14.15
N ILE B 39 9.14 23.55 -13.04
CA ILE B 39 8.36 24.75 -12.75
C ILE B 39 9.35 25.90 -12.71
N GLN B 40 9.13 26.93 -13.52
CA GLN B 40 9.99 28.11 -13.60
C GLN B 40 9.24 29.35 -13.16
N ILE B 41 9.89 30.20 -12.35
CA ILE B 41 9.30 31.46 -11.89
C ILE B 41 10.05 32.54 -12.64
N TRP B 42 9.29 33.32 -13.44
CA TRP B 42 9.85 34.37 -14.28
C TRP B 42 9.46 35.74 -13.83
N SER B 43 10.34 36.72 -13.93
CA SER B 43 9.98 38.11 -13.69
C SER B 43 10.92 39.03 -14.45
N GLY B 44 10.37 40.06 -15.12
CA GLY B 44 11.22 40.98 -15.90
C GLY B 44 12.05 40.26 -16.97
N MSE B 45 11.46 39.22 -17.57
CA MSE B 45 12.09 38.43 -18.65
C MSE B 45 13.34 37.69 -18.15
O MSE B 45 14.28 37.43 -18.94
CB MSE B 45 12.35 39.28 -19.91
CG MSE B 45 11.07 39.77 -20.59
SE MSE B 45 10.04 38.24 -21.29
CE MSE B 45 11.28 37.76 -22.81
N ARG B 46 13.33 37.29 -16.87
CA ARG B 46 14.42 36.57 -16.25
C ARG B 46 13.89 35.43 -15.47
N MSE B 47 14.45 34.24 -15.70
CA MSE B 47 14.07 33.03 -14.95
CA MSE B 47 14.06 33.06 -14.94
C MSE B 47 14.80 33.18 -13.60
O MSE B 47 16.03 33.15 -13.55
CB MSE B 47 14.60 31.81 -15.72
CB MSE B 47 14.45 31.76 -15.66
CG MSE B 47 13.71 30.59 -15.63
CG MSE B 47 13.62 30.55 -15.24
SE MSE B 47 13.73 29.79 -13.87
SE MSE B 47 14.67 28.91 -15.09
CE MSE B 47 15.68 29.60 -13.60
CE MSE B 47 15.73 29.38 -13.51
N LEU B 48 14.05 33.38 -12.50
CA LEU B 48 14.66 33.59 -11.20
C LEU B 48 14.94 32.33 -10.40
N ARG B 49 14.03 31.39 -10.46
CA ARG B 49 14.15 30.16 -9.74
C ARG B 49 13.32 29.05 -10.40
N SER B 50 13.81 27.83 -10.30
CA SER B 50 13.12 26.68 -10.83
C SER B 50 13.04 25.59 -9.77
N PHE B 51 12.03 24.74 -9.91
CA PHE B 51 11.74 23.63 -9.03
C PHE B 51 11.46 22.43 -9.91
N ARG B 52 11.99 21.27 -9.54
CA ARG B 52 11.72 20.05 -10.30
C ARG B 52 11.02 19.06 -9.41
N THR B 53 10.01 18.40 -9.97
CA THR B 53 9.18 17.52 -9.18
C THR B 53 8.40 16.55 -10.07
N ASN B 54 7.92 15.48 -9.44
CA ASN B 54 7.01 14.50 -10.01
C ASN B 54 5.58 14.69 -9.43
N GLU B 55 5.38 15.57 -8.40
CA GLU B 55 4.06 15.77 -7.82
C GLU B 55 3.21 16.76 -8.62
N PRO B 56 2.02 16.31 -9.08
CA PRO B 56 1.12 17.22 -9.82
C PRO B 56 0.58 18.38 -8.96
N THR B 57 0.60 18.24 -7.61
CA THR B 57 0.21 19.28 -6.66
C THR B 57 1.48 19.64 -5.89
N PHE B 58 1.96 20.86 -6.06
CA PHE B 58 3.25 21.28 -5.50
C PHE B 58 3.21 22.67 -4.94
N GLN B 59 3.66 22.85 -3.70
CA GLN B 59 3.73 24.16 -3.08
C GLN B 59 5.03 24.87 -3.51
N ILE B 60 4.88 25.99 -4.21
CA ILE B 60 6.03 26.77 -4.66
CA ILE B 60 6.02 26.78 -4.66
C ILE B 60 6.44 27.75 -3.58
N PRO B 61 7.67 27.66 -3.08
CA PRO B 61 8.12 28.67 -2.10
C PRO B 61 8.44 29.96 -2.86
N MSE B 62 7.69 31.00 -2.58
CA MSE B 62 7.93 32.31 -3.16
C MSE B 62 8.70 33.23 -2.17
O MSE B 62 8.80 34.43 -2.42
CB MSE B 62 6.59 32.94 -3.59
CG MSE B 62 5.80 32.07 -4.59
SE MSE B 62 6.56 32.29 -6.37
CE MSE B 62 5.28 31.33 -7.45
N ALA B 63 9.23 32.67 -1.05
CA ALA B 63 9.99 33.40 -0.04
C ALA B 63 11.17 34.08 -0.68
N GLY B 64 11.40 35.33 -0.28
CA GLY B 64 12.51 36.12 -0.81
C GLY B 64 12.18 36.91 -2.07
N LEU B 65 11.01 36.63 -2.70
CA LEU B 65 10.63 37.35 -3.90
C LEU B 65 9.82 38.60 -3.57
N PRO B 66 10.20 39.76 -4.10
CA PRO B 66 9.43 40.99 -3.82
C PRO B 66 8.07 40.99 -4.51
N ALA B 67 7.16 41.82 -4.00
CA ALA B 67 5.81 41.93 -4.56
C ALA B 67 5.86 42.40 -6.02
N GLY B 68 4.93 41.91 -6.83
CA GLY B 68 4.88 42.29 -8.23
C GLY B 68 4.40 41.23 -9.19
N LEU B 69 4.68 41.47 -10.48
CA LEU B 69 4.23 40.63 -11.58
C LEU B 69 5.21 39.52 -11.84
N TYR B 70 4.73 38.29 -11.84
CA TYR B 70 5.52 37.10 -12.11
C TYR B 70 4.80 36.26 -13.16
N PHE B 71 5.50 35.30 -13.74
CA PHE B 71 4.90 34.36 -14.66
C PHE B 71 5.38 32.98 -14.23
N VAL B 72 4.44 32.05 -13.98
CA VAL B 72 4.79 30.68 -13.64
C VAL B 72 4.72 29.88 -14.92
N ARG B 73 5.81 29.17 -15.26
CA ARG B 73 5.91 28.36 -16.46
C ARG B 73 6.26 26.88 -16.16
N VAL B 74 5.42 25.96 -16.61
CA VAL B 74 5.65 24.55 -16.43
C VAL B 74 6.12 23.96 -17.76
N VAL B 75 7.21 23.18 -17.75
CA VAL B 75 7.68 22.48 -18.93
C VAL B 75 7.51 20.99 -18.62
N LYS B 76 6.58 20.31 -19.31
CA LYS B 76 6.32 18.90 -19.07
C LYS B 76 6.18 18.13 -20.38
N ASN B 77 7.10 17.20 -20.63
CA ASN B 77 7.11 16.38 -21.85
C ASN B 77 7.05 17.25 -23.13
N GLY B 78 7.90 18.27 -23.18
CA GLY B 78 7.95 19.19 -24.31
C GLY B 78 6.88 20.26 -24.33
N GLN B 79 5.77 20.03 -23.60
CA GLN B 79 4.67 20.98 -23.54
C GLN B 79 4.91 22.05 -22.50
N THR B 80 4.63 23.32 -22.82
CA THR B 80 4.80 24.39 -21.85
C THR B 80 3.47 25.08 -21.57
N TYR B 81 3.25 25.48 -20.31
CA TYR B 81 2.07 26.20 -19.86
C TYR B 81 2.59 27.41 -19.08
N THR B 82 2.12 28.61 -19.45
CA THR B 82 2.57 29.83 -18.79
C THR B 82 1.38 30.61 -18.29
N GLN B 83 1.45 31.04 -17.03
CA GLN B 83 0.38 31.80 -16.45
C GLN B 83 0.91 32.97 -15.61
N LYS B 84 0.29 34.14 -15.79
CA LYS B 84 0.64 35.33 -15.05
C LYS B 84 0.21 35.16 -13.59
N LEU B 85 1.09 35.53 -12.65
CA LEU B 85 0.85 35.39 -11.23
C LEU B 85 1.27 36.67 -10.51
N ILE B 86 0.35 37.26 -9.74
CA ILE B 86 0.66 38.46 -8.98
C ILE B 86 1.03 38.07 -7.55
N LYS B 87 2.19 38.54 -7.06
CA LYS B 87 2.60 38.26 -5.69
C LYS B 87 2.35 39.52 -4.85
N LYS B 88 1.58 39.38 -3.77
CA LYS B 88 1.28 40.50 -2.88
C LYS B 88 2.29 40.61 -1.75
N GLY C 1 -12.73 1.10 -0.56
CA GLY C 1 -11.93 0.61 -1.68
C GLY C 1 -11.47 1.73 -2.61
N SER C 2 -10.20 1.67 -3.05
CA SER C 2 -9.69 2.72 -3.94
C SER C 2 -8.87 2.15 -5.11
N LEU C 3 -9.04 2.72 -6.31
CA LEU C 3 -8.33 2.28 -7.52
C LEU C 3 -7.32 3.31 -8.02
N THR C 4 -6.06 2.89 -8.24
CA THR C 4 -5.04 3.77 -8.82
C THR C 4 -4.34 3.08 -9.97
N LEU C 5 -4.14 3.78 -11.09
CA LEU C 5 -3.49 3.26 -12.28
C LEU C 5 -2.24 4.08 -12.53
N SER C 6 -1.08 3.43 -12.78
CA SER C 6 0.19 4.14 -13.01
C SER C 6 1.00 3.51 -14.14
N PRO C 7 1.54 4.33 -15.06
CA PRO C 7 1.47 5.78 -15.11
C PRO C 7 0.33 6.24 -16.01
N ASP C 12 3.25 -0.15 -22.12
CA ASP C 12 2.83 -1.54 -22.33
C ASP C 12 2.41 -2.26 -21.02
N VAL C 13 2.77 -1.71 -19.87
CA VAL C 13 2.38 -2.31 -18.58
C VAL C 13 1.70 -1.23 -17.74
N VAL C 14 0.49 -1.50 -17.23
CA VAL C 14 -0.22 -0.57 -16.37
C VAL C 14 -0.23 -1.14 -14.96
N THR C 15 0.35 -0.42 -13.99
CA THR C 15 0.33 -0.85 -12.61
C THR C 15 -1.02 -0.47 -11.99
N LEU C 16 -1.79 -1.47 -11.56
CA LEU C 16 -3.08 -1.23 -10.92
C LEU C 16 -2.89 -1.41 -9.39
N GLN C 17 -3.41 -0.49 -8.57
CA GLN C 17 -3.34 -0.63 -7.12
C GLN C 17 -4.72 -0.52 -6.51
N LEU C 18 -5.07 -1.50 -5.66
CA LEU C 18 -6.34 -1.55 -4.93
C LEU C 18 -6.08 -1.47 -3.43
N THR C 19 -6.06 -0.25 -2.88
CA THR C 19 -5.85 -0.10 -1.44
C THR C 19 -7.17 0.04 -0.71
N GLU C 20 -7.19 -0.37 0.56
CA GLU C 20 -8.36 -0.15 1.39
C GLU C 20 -8.15 1.16 2.13
N THR C 21 -9.20 1.97 2.28
CA THR C 21 -9.09 3.22 3.00
C THR C 21 -9.38 2.87 4.45
N ASP C 22 -8.39 3.06 5.32
CA ASP C 22 -8.55 2.74 6.73
C ASP C 22 -9.69 3.56 7.37
N GLU C 23 -10.61 2.88 8.04
CA GLU C 23 -11.77 3.55 8.63
C GLU C 23 -11.45 4.51 9.77
N VAL C 24 -10.27 4.37 10.38
CA VAL C 24 -9.86 5.23 11.47
C VAL C 24 -8.98 6.36 10.95
N SER C 25 -7.87 6.02 10.28
CA SER C 25 -6.91 7.01 9.82
C SER C 25 -7.20 7.68 8.49
N GLY C 26 -8.05 7.09 7.66
CA GLY C 26 -8.31 7.62 6.33
C GLY C 26 -7.14 7.41 5.37
N LEU C 27 -6.08 6.68 5.78
CA LEU C 27 -4.94 6.38 4.94
C LEU C 27 -5.13 5.13 4.06
N SER C 28 -4.34 5.02 2.99
CA SER C 28 -4.42 3.89 2.08
C SER C 28 -3.59 2.73 2.62
N VAL C 29 -4.24 1.63 2.96
CA VAL C 29 -3.62 0.41 3.46
C VAL C 29 -3.49 -0.65 2.34
N LEU C 30 -2.31 -1.28 2.26
CA LEU C 30 -2.12 -2.40 1.34
C LEU C 30 -2.54 -3.61 2.18
N SER C 31 -3.77 -4.08 2.01
CA SER C 31 -4.32 -5.13 2.86
C SER C 31 -3.77 -6.52 2.62
N THR C 32 -3.68 -7.33 3.68
CA THR C 32 -3.28 -8.74 3.56
C THR C 32 -4.51 -9.65 3.28
N GLU C 33 -5.74 -9.09 3.23
CA GLU C 33 -6.96 -9.86 2.96
C GLU C 33 -6.83 -10.57 1.63
N ARG C 34 -6.29 -9.88 0.62
CA ARG C 34 -6.05 -10.44 -0.71
C ARG C 34 -7.23 -11.23 -1.25
N SER C 35 -8.39 -10.57 -1.27
CA SER C 35 -9.60 -11.18 -1.81
C SER C 35 -9.48 -11.15 -3.32
N ALA C 36 -10.01 -12.18 -3.99
CA ALA C 36 -9.91 -12.23 -5.45
C ALA C 36 -10.81 -11.19 -6.08
N TYR C 37 -10.38 -10.68 -7.21
CA TYR C 37 -11.16 -9.73 -7.98
C TYR C 37 -10.88 -9.91 -9.50
N GLU C 38 -11.63 -9.18 -10.29
CA GLU C 38 -11.49 -9.21 -11.74
C GLU C 38 -11.13 -7.81 -12.25
N ILE C 39 -10.21 -7.75 -13.19
CA ILE C 39 -9.79 -6.50 -13.84
C ILE C 39 -10.21 -6.66 -15.30
N GLN C 40 -11.09 -5.79 -15.79
CA GLN C 40 -11.53 -5.82 -17.19
C GLN C 40 -10.92 -4.64 -17.93
N ILE C 41 -10.54 -4.84 -19.21
CA ILE C 41 -10.01 -3.76 -20.04
C ILE C 41 -11.03 -3.52 -21.13
N TRP C 42 -11.68 -2.35 -21.11
CA TRP C 42 -12.75 -2.05 -22.07
C TRP C 42 -12.32 -0.98 -23.06
N SER C 43 -12.84 -1.07 -24.29
CA SER C 43 -12.69 -0.01 -25.29
C SER C 43 -13.80 -0.19 -26.30
N GLY C 44 -14.40 0.92 -26.71
CA GLY C 44 -15.50 0.89 -27.66
C GLY C 44 -16.69 0.08 -27.17
N MSE C 45 -16.99 0.17 -25.85
CA MSE C 45 -18.08 -0.56 -25.22
C MSE C 45 -17.93 -2.08 -25.38
O MSE C 45 -18.92 -2.80 -25.51
CB MSE C 45 -19.43 -0.06 -25.72
CG MSE C 45 -19.73 1.38 -25.30
SE MSE C 45 -19.90 1.49 -23.37
CE MSE C 45 -21.75 0.63 -23.18
N ARG C 46 -16.67 -2.56 -25.41
CA ARG C 46 -16.39 -3.97 -25.56
C ARG C 46 -15.42 -4.39 -24.50
N MSE C 47 -15.65 -5.55 -23.86
CA MSE C 47 -14.71 -6.05 -22.88
CA MSE C 47 -14.71 -6.06 -22.87
C MSE C 47 -13.68 -6.83 -23.68
O MSE C 47 -14.04 -7.84 -24.31
CB MSE C 47 -15.41 -6.94 -21.85
CB MSE C 47 -15.40 -6.96 -21.83
CG MSE C 47 -14.80 -6.81 -20.47
CG MSE C 47 -14.77 -6.89 -20.44
SE MSE C 47 -13.13 -7.80 -20.35
SE MSE C 47 -14.49 -8.64 -19.59
CE MSE C 47 -13.88 -9.63 -20.55
CE MSE C 47 -13.61 -9.54 -21.12
N LEU C 48 -12.44 -6.30 -23.79
CA LEU C 48 -11.39 -6.88 -24.64
C LEU C 48 -10.56 -7.93 -23.98
N ARG C 49 -10.25 -7.73 -22.70
CA ARG C 49 -9.46 -8.70 -21.97
C ARG C 49 -9.71 -8.55 -20.47
N SER C 50 -9.62 -9.66 -19.76
CA SER C 50 -9.80 -9.65 -18.34
C SER C 50 -8.71 -10.42 -17.67
N PHE C 51 -8.41 -10.06 -16.41
CA PHE C 51 -7.40 -10.69 -15.58
C PHE C 51 -8.03 -11.00 -14.26
N ARG C 52 -7.58 -12.09 -13.63
CA ARG C 52 -8.10 -12.49 -12.32
C ARG C 52 -6.98 -12.67 -11.37
N THR C 53 -7.07 -12.02 -10.21
CA THR C 53 -5.99 -12.06 -9.22
C THR C 53 -6.50 -11.80 -7.81
N ASN C 54 -5.69 -12.16 -6.82
CA ASN C 54 -5.95 -11.79 -5.43
C ASN C 54 -4.97 -10.68 -4.96
N GLU C 55 -4.04 -10.25 -5.83
CA GLU C 55 -3.01 -9.30 -5.47
C GLU C 55 -3.51 -7.87 -5.57
N PRO C 56 -3.32 -7.06 -4.51
CA PRO C 56 -3.78 -5.65 -4.56
C PRO C 56 -2.95 -4.78 -5.50
N THR C 57 -1.79 -5.25 -5.90
CA THR C 57 -0.94 -4.54 -6.85
C THR C 57 -0.77 -5.49 -7.97
N PHE C 58 -1.19 -5.09 -9.18
CA PHE C 58 -1.12 -6.00 -10.32
C PHE C 58 -0.65 -5.30 -11.56
N GLN C 59 0.32 -5.90 -12.27
CA GLN C 59 0.79 -5.35 -13.53
C GLN C 59 -0.09 -5.86 -14.68
N ILE C 60 -0.82 -4.95 -15.31
CA ILE C 60 -1.68 -5.28 -16.44
C ILE C 60 -0.89 -5.22 -17.73
N PRO C 61 -0.76 -6.33 -18.46
CA PRO C 61 -0.10 -6.28 -19.77
C PRO C 61 -1.03 -5.72 -20.84
N MSE C 62 -0.70 -4.54 -21.35
CA MSE C 62 -1.48 -3.91 -22.42
C MSE C 62 -0.97 -4.27 -23.82
O MSE C 62 -1.42 -3.69 -24.81
CB MSE C 62 -1.50 -2.37 -22.28
CG MSE C 62 -2.11 -1.89 -20.97
SE MSE C 62 -4.01 -2.26 -20.80
CE MSE C 62 -4.76 -0.86 -21.99
N ALA C 63 -0.03 -5.26 -23.92
CA ALA C 63 0.55 -5.71 -25.19
C ALA C 63 -0.54 -6.14 -26.15
N GLY C 64 -0.44 -5.68 -27.38
CA GLY C 64 -1.44 -6.02 -28.39
C GLY C 64 -2.63 -5.08 -28.44
N LEU C 65 -2.69 -4.08 -27.54
CA LEU C 65 -3.78 -3.11 -27.57
C LEU C 65 -3.29 -1.85 -28.26
N PRO C 66 -4.01 -1.36 -29.28
CA PRO C 66 -3.57 -0.12 -29.95
C PRO C 66 -3.78 1.13 -29.10
N ALA C 67 -3.25 2.28 -29.56
CA ALA C 67 -3.42 3.54 -28.84
C ALA C 67 -4.89 3.94 -28.84
N GLY C 68 -5.33 4.59 -27.77
CA GLY C 68 -6.72 5.02 -27.69
C GLY C 68 -7.31 5.13 -26.30
N LEU C 69 -8.63 5.26 -26.26
CA LEU C 69 -9.39 5.42 -25.04
C LEU C 69 -9.85 4.09 -24.46
N TYR C 70 -9.39 3.79 -23.25
CA TYR C 70 -9.77 2.59 -22.54
C TYR C 70 -10.45 2.90 -21.22
N PHE C 71 -11.10 1.90 -20.62
CA PHE C 71 -11.70 1.98 -19.30
C PHE C 71 -11.25 0.74 -18.53
N VAL C 72 -10.62 0.93 -17.38
CA VAL C 72 -10.20 -0.21 -16.57
C VAL C 72 -11.26 -0.39 -15.48
N ARG C 73 -11.86 -1.58 -15.42
CA ARG C 73 -12.89 -1.84 -14.43
C ARG C 73 -12.51 -2.97 -13.47
N VAL C 74 -12.57 -2.71 -12.17
CA VAL C 74 -12.31 -3.72 -11.16
C VAL C 74 -13.65 -4.16 -10.63
N VAL C 75 -13.90 -5.48 -10.64
CA VAL C 75 -15.11 -6.06 -10.06
C VAL C 75 -14.62 -6.83 -8.83
N LYS C 76 -15.08 -6.43 -7.65
CA LYS C 76 -14.63 -7.04 -6.41
C LYS C 76 -15.76 -7.18 -5.43
N ASN C 77 -16.22 -8.41 -5.21
CA ASN C 77 -17.28 -8.74 -4.25
C ASN C 77 -18.50 -7.84 -4.40
N GLY C 78 -19.05 -7.75 -5.61
CA GLY C 78 -20.19 -6.91 -5.91
C GLY C 78 -19.85 -5.46 -6.25
N GLN C 79 -18.82 -4.89 -5.58
CA GLN C 79 -18.38 -3.50 -5.80
C GLN C 79 -17.55 -3.31 -7.11
N THR C 80 -17.89 -2.29 -7.93
CA THR C 80 -17.10 -2.00 -9.12
C THR C 80 -16.44 -0.63 -9.04
N TYR C 81 -15.24 -0.52 -9.62
CA TYR C 81 -14.46 0.72 -9.68
C TYR C 81 -14.07 0.86 -11.15
N THR C 82 -14.42 1.97 -11.80
CA THR C 82 -14.11 2.16 -13.22
C THR C 82 -13.31 3.45 -13.41
N GLN C 83 -12.24 3.38 -14.22
CA GLN C 83 -11.43 4.56 -14.45
C GLN C 83 -10.93 4.67 -15.91
N LYS C 84 -11.11 5.85 -16.53
CA LYS C 84 -10.67 6.14 -17.89
C LYS C 84 -9.16 6.06 -17.94
N LEU C 85 -8.62 5.36 -18.94
CA LEU C 85 -7.18 5.19 -19.12
C LEU C 85 -6.85 5.46 -20.60
N ILE C 86 -5.93 6.40 -20.87
CA ILE C 86 -5.55 6.71 -22.25
C ILE C 86 -4.25 5.98 -22.56
N LYS C 87 -4.25 5.12 -23.59
CA LYS C 87 -3.03 4.42 -23.98
C LYS C 87 -2.37 5.16 -25.15
N GLY D 1 12.05 -8.60 14.72
CA GLY D 1 10.84 -9.38 14.97
C GLY D 1 9.63 -8.93 14.17
N SER D 2 8.82 -9.88 13.65
CA SER D 2 7.64 -9.50 12.88
C SER D 2 6.39 -10.30 13.25
N LEU D 3 5.21 -9.68 13.15
CA LEU D 3 3.91 -10.31 13.45
C LEU D 3 3.01 -10.45 12.22
N THR D 4 2.56 -11.68 11.93
CA THR D 4 1.64 -11.91 10.81
C THR D 4 0.40 -12.62 11.32
N LEU D 5 -0.79 -12.17 10.91
CA LEU D 5 -2.05 -12.78 11.32
C LEU D 5 -2.77 -13.26 10.06
N SER D 6 -3.19 -14.53 10.02
CA SER D 6 -3.86 -15.12 8.86
C SER D 6 -5.04 -15.98 9.28
N PRO D 7 -6.14 -15.99 8.51
CA PRO D 7 -6.41 -15.12 7.37
C PRO D 7 -6.91 -13.75 7.82
N ASN D 8 -7.15 -12.87 6.86
CA ASN D 8 -7.68 -11.54 7.13
C ASN D 8 -8.93 -11.43 6.26
N PRO D 9 -10.13 -11.17 6.83
CA PRO D 9 -10.44 -10.97 8.24
C PRO D 9 -10.46 -12.25 9.08
N ALA D 10 -10.49 -12.10 10.40
CA ALA D 10 -10.49 -13.20 11.34
C ALA D 10 -11.79 -14.00 11.32
N THR D 11 -11.64 -15.32 11.35
CA THR D 11 -12.74 -16.27 11.44
C THR D 11 -12.69 -16.84 12.92
N ASP D 12 -13.12 -18.10 13.19
CA ASP D 12 -13.04 -18.65 14.55
C ASP D 12 -11.60 -18.93 15.00
N VAL D 13 -10.66 -19.10 14.07
CA VAL D 13 -9.28 -19.38 14.40
C VAL D 13 -8.37 -18.44 13.61
N VAL D 14 -7.51 -17.69 14.31
CA VAL D 14 -6.57 -16.77 13.68
C VAL D 14 -5.21 -17.40 13.84
N THR D 15 -4.46 -17.61 12.76
CA THR D 15 -3.11 -18.13 12.86
C THR D 15 -2.18 -16.94 13.09
N LEU D 16 -1.42 -16.96 14.18
CA LEU D 16 -0.45 -15.91 14.47
C LEU D 16 0.92 -16.47 14.14
N GLN D 17 1.79 -15.69 13.50
CA GLN D 17 3.16 -16.11 13.20
C GLN D 17 4.13 -15.04 13.64
N LEU D 18 5.10 -15.41 14.46
CA LEU D 18 6.13 -14.51 14.97
C LEU D 18 7.44 -14.96 14.35
N THR D 19 7.88 -14.33 13.27
CA THR D 19 9.15 -14.72 12.64
C THR D 19 10.29 -13.79 13.02
N GLU D 20 11.53 -14.30 12.98
CA GLU D 20 12.70 -13.47 13.21
C GLU D 20 13.21 -13.05 11.86
N THR D 21 13.51 -11.77 11.70
CA THR D 21 14.03 -11.27 10.44
C THR D 21 15.54 -11.55 10.48
N ASP D 22 16.03 -12.39 9.55
CA ASP D 22 17.43 -12.76 9.51
C ASP D 22 18.29 -11.52 9.25
N GLU D 23 19.28 -11.29 10.10
CA GLU D 23 20.13 -10.09 9.97
C GLU D 23 20.99 -10.07 8.73
N VAL D 24 21.19 -11.24 8.08
CA VAL D 24 22.01 -11.28 6.89
C VAL D 24 21.16 -11.18 5.61
N SER D 25 20.21 -12.12 5.42
CA SER D 25 19.36 -12.23 4.23
C SER D 25 18.11 -11.36 4.22
N GLY D 26 17.66 -10.90 5.38
CA GLY D 26 16.42 -10.15 5.47
C GLY D 26 15.17 -11.01 5.30
N LEU D 27 15.34 -12.34 5.24
CA LEU D 27 14.24 -13.27 5.13
C LEU D 27 13.66 -13.65 6.49
N SER D 28 12.41 -14.12 6.49
CA SER D 28 11.72 -14.46 7.71
C SER D 28 12.02 -15.91 8.10
N VAL D 29 12.60 -16.08 9.29
CA VAL D 29 12.98 -17.37 9.82
C VAL D 29 11.97 -17.84 10.88
N LEU D 30 11.60 -19.12 10.83
CA LEU D 30 10.76 -19.73 11.86
C LEU D 30 11.82 -20.29 12.81
N SER D 31 12.17 -19.52 13.86
CA SER D 31 13.31 -19.90 14.70
C SER D 31 13.06 -21.07 15.64
N THR D 32 14.11 -21.85 15.91
CA THR D 32 14.02 -22.94 16.87
C THR D 32 14.21 -22.46 18.33
N GLU D 33 14.48 -21.15 18.53
CA GLU D 33 14.67 -20.58 19.86
C GLU D 33 13.44 -20.83 20.73
N ARG D 34 12.23 -20.64 20.15
CA ARG D 34 10.97 -20.93 20.82
C ARG D 34 10.91 -20.34 22.24
N SER D 35 11.21 -19.05 22.34
CA SER D 35 11.16 -18.32 23.60
C SER D 35 9.69 -18.06 23.94
N ALA D 36 9.36 -18.05 25.23
CA ALA D 36 7.98 -17.81 25.66
C ALA D 36 7.53 -16.40 25.31
N TYR D 37 6.25 -16.29 25.01
CA TYR D 37 5.66 -14.98 24.77
C TYR D 37 4.16 -15.00 25.16
N GLU D 38 3.55 -13.84 25.18
CA GLU D 38 2.16 -13.68 25.55
C GLU D 38 1.42 -13.04 24.39
N ILE D 39 0.26 -13.57 24.07
CA ILE D 39 -0.60 -13.03 23.03
C ILE D 39 -1.79 -12.44 23.77
N GLN D 40 -2.14 -11.19 23.53
CA GLN D 40 -3.29 -10.56 24.17
C GLN D 40 -4.29 -10.17 23.11
N ILE D 41 -5.56 -10.44 23.39
CA ILE D 41 -6.63 -10.04 22.49
C ILE D 41 -7.37 -8.89 23.15
N TRP D 42 -7.36 -7.73 22.49
CA TRP D 42 -7.96 -6.50 23.00
C TRP D 42 -9.17 -6.02 22.21
N SER D 43 -10.13 -5.41 22.88
CA SER D 43 -11.23 -4.73 22.19
C SER D 43 -11.84 -3.74 23.14
N GLY D 44 -12.13 -2.56 22.62
CA GLY D 44 -12.71 -1.49 23.44
C GLY D 44 -11.82 -1.12 24.63
N MSE D 45 -10.47 -1.12 24.42
CA MSE D 45 -9.48 -0.80 25.46
C MSE D 45 -9.56 -1.73 26.67
O MSE D 45 -9.31 -1.32 27.80
CB MSE D 45 -9.53 0.68 25.86
CG MSE D 45 -9.24 1.63 24.70
SE MSE D 45 -7.38 1.48 24.19
CE MSE D 45 -6.56 2.26 25.79
N ARG D 46 -9.89 -2.99 26.40
CA ARG D 46 -9.99 -4.03 27.42
C ARG D 46 -9.27 -5.26 26.93
N MSE D 47 -8.46 -5.87 27.78
CA MSE D 47 -7.78 -7.11 27.46
CA MSE D 47 -7.80 -7.12 27.43
C MSE D 47 -8.78 -8.24 27.76
O MSE D 47 -9.09 -8.49 28.93
CB MSE D 47 -6.53 -7.23 28.33
CB MSE D 47 -6.48 -7.32 28.14
CG MSE D 47 -5.40 -7.90 27.61
CG MSE D 47 -5.60 -8.28 27.39
SE MSE D 47 -5.64 -9.80 27.57
SE MSE D 47 -4.39 -9.26 28.55
CE MSE D 47 -5.11 -10.15 29.41
CE MSE D 47 -5.71 -10.13 29.65
N LEU D 48 -9.36 -8.87 26.72
CA LEU D 48 -10.38 -9.90 26.88
C LEU D 48 -9.86 -11.27 27.16
N ARG D 49 -8.76 -11.65 26.51
CA ARG D 49 -8.19 -12.97 26.69
C ARG D 49 -6.71 -12.97 26.31
N SER D 50 -5.95 -13.84 26.94
CA SER D 50 -4.54 -13.94 26.68
C SER D 50 -4.17 -15.40 26.51
N PHE D 51 -3.08 -15.65 25.81
CA PHE D 51 -2.58 -17.00 25.56
C PHE D 51 -1.10 -16.97 25.77
N ARG D 52 -0.54 -18.04 26.34
CA ARG D 52 0.91 -18.09 26.54
C ARG D 52 1.45 -19.29 25.84
N THR D 53 2.51 -19.10 25.05
CA THR D 53 3.10 -20.19 24.28
C THR D 53 4.59 -19.93 24.00
N ASN D 54 5.30 -20.97 23.59
CA ASN D 54 6.67 -20.90 23.09
C ASN D 54 6.70 -21.09 21.53
N GLU D 55 5.57 -21.46 20.92
CA GLU D 55 5.46 -21.74 19.50
C GLU D 55 5.40 -20.47 18.69
N PRO D 56 6.29 -20.31 17.71
CA PRO D 56 6.21 -19.12 16.84
C PRO D 56 4.97 -19.13 15.94
N THR D 57 4.37 -20.30 15.71
CA THR D 57 3.13 -20.39 14.94
C THR D 57 2.05 -20.88 15.91
N PHE D 58 1.04 -20.05 16.14
CA PHE D 58 0.00 -20.36 17.12
C PHE D 58 -1.39 -20.05 16.64
N GLN D 59 -2.30 -21.02 16.75
CA GLN D 59 -3.70 -20.81 16.37
C GLN D 59 -4.47 -20.18 17.56
N ILE D 60 -4.95 -18.96 17.36
CA ILE D 60 -5.71 -18.24 18.39
C ILE D 60 -7.16 -18.58 18.27
N PRO D 61 -7.75 -19.19 19.29
CA PRO D 61 -9.20 -19.41 19.27
C PRO D 61 -9.96 -18.11 19.55
N MSE D 62 -10.72 -17.64 18.57
CA MSE D 62 -11.55 -16.45 18.74
C MSE D 62 -13.00 -16.81 19.10
O MSE D 62 -13.86 -15.93 19.09
CB MSE D 62 -11.52 -15.59 17.47
CG MSE D 62 -10.12 -15.12 17.10
SE MSE D 62 -9.39 -13.79 18.28
CE MSE D 62 -10.39 -12.20 17.65
N ALA D 63 -13.29 -18.09 19.42
CA ALA D 63 -14.62 -18.57 19.78
C ALA D 63 -15.16 -17.77 20.94
N GLY D 64 -16.42 -17.38 20.85
CA GLY D 64 -17.05 -16.60 21.91
C GLY D 64 -16.88 -15.10 21.78
N LEU D 65 -16.07 -14.63 20.80
CA LEU D 65 -15.89 -13.19 20.59
C LEU D 65 -16.80 -12.69 19.45
N PRO D 66 -17.59 -11.63 19.68
CA PRO D 66 -18.48 -11.13 18.61
C PRO D 66 -17.71 -10.43 17.49
N ALA D 67 -18.38 -10.20 16.36
CA ALA D 67 -17.76 -9.49 15.22
C ALA D 67 -17.37 -8.08 15.67
N GLY D 68 -16.27 -7.57 15.11
CA GLY D 68 -15.84 -6.23 15.46
C GLY D 68 -14.34 -6.00 15.36
N LEU D 69 -13.92 -4.85 15.89
CA LEU D 69 -12.54 -4.40 15.84
C LEU D 69 -11.78 -4.90 17.06
N TYR D 70 -10.73 -5.66 16.79
CA TYR D 70 -9.84 -6.17 17.83
C TYR D 70 -8.40 -5.70 17.58
N PHE D 71 -7.56 -5.83 18.58
CA PHE D 71 -6.14 -5.61 18.44
C PHE D 71 -5.47 -6.84 19.01
N VAL D 72 -4.53 -7.40 18.27
CA VAL D 72 -3.75 -8.53 18.77
C VAL D 72 -2.41 -7.97 19.19
N ARG D 73 -2.01 -8.24 20.43
CA ARG D 73 -0.75 -7.73 20.95
C ARG D 73 0.16 -8.86 21.44
N VAL D 74 1.39 -8.90 20.96
CA VAL D 74 2.36 -9.89 21.41
C VAL D 74 3.34 -9.18 22.34
N VAL D 75 3.63 -9.77 23.51
CA VAL D 75 4.62 -9.25 24.45
C VAL D 75 5.71 -10.31 24.54
N LYS D 76 6.90 -10.01 24.01
CA LYS D 76 7.99 -10.99 23.99
C LYS D 76 9.32 -10.36 24.37
N ASN D 77 9.91 -10.79 25.50
CA ASN D 77 11.18 -10.27 25.99
C ASN D 77 11.22 -8.73 26.04
N GLY D 78 10.20 -8.13 26.64
CA GLY D 78 10.07 -6.68 26.75
C GLY D 78 9.52 -5.98 25.53
N GLN D 79 9.70 -6.56 24.33
CA GLN D 79 9.25 -6.00 23.06
C GLN D 79 7.75 -6.26 22.83
N THR D 80 7.02 -5.27 22.29
CA THR D 80 5.60 -5.48 21.98
C THR D 80 5.32 -5.25 20.51
N TYR D 81 4.38 -6.02 19.96
CA TYR D 81 3.94 -5.89 18.58
C TYR D 81 2.43 -5.85 18.65
N THR D 82 1.80 -4.87 18.05
CA THR D 82 0.34 -4.74 18.11
C THR D 82 -0.20 -4.56 16.71
N GLN D 83 -1.27 -5.29 16.37
CA GLN D 83 -1.86 -5.17 15.05
C GLN D 83 -3.38 -5.19 15.11
N LYS D 84 -4.03 -4.31 14.35
CA LYS D 84 -5.49 -4.26 14.26
C LYS D 84 -5.97 -5.52 13.53
N LEU D 85 -7.01 -6.16 14.07
CA LEU D 85 -7.58 -7.38 13.51
C LEU D 85 -9.10 -7.23 13.49
N ILE D 86 -9.72 -7.41 12.32
CA ILE D 86 -11.17 -7.32 12.20
C ILE D 86 -11.74 -8.74 12.26
N LYS D 87 -12.68 -8.99 13.17
CA LYS D 87 -13.33 -10.29 13.24
C LYS D 87 -14.66 -10.19 12.52
N LYS D 88 -14.90 -11.07 11.54
CA LYS D 88 -16.15 -11.07 10.80
C LYS D 88 -17.13 -12.11 11.37
N GLY E 1 12.93 -26.81 -0.35
CA GLY E 1 11.55 -26.64 0.12
C GLY E 1 11.17 -27.62 1.21
N SER E 2 10.24 -27.22 2.06
CA SER E 2 9.76 -28.04 3.18
C SER E 2 8.37 -27.61 3.63
N LEU E 3 7.68 -28.48 4.36
CA LEU E 3 6.35 -28.19 4.86
C LEU E 3 6.35 -28.14 6.35
N THR E 4 5.64 -27.18 6.91
CA THR E 4 5.45 -27.12 8.33
C THR E 4 3.94 -27.18 8.59
N LEU E 5 3.51 -28.07 9.46
CA LEU E 5 2.09 -28.19 9.83
C LEU E 5 1.97 -27.93 11.33
N SER E 6 1.05 -27.04 11.74
CA SER E 6 0.87 -26.69 13.14
C SER E 6 -0.62 -26.57 13.46
N PRO E 7 -1.09 -27.10 14.59
CA PRO E 7 -0.34 -27.89 15.58
C PRO E 7 -0.24 -29.36 15.18
N ASN E 8 0.47 -30.13 16.00
CA ASN E 8 0.61 -31.56 15.85
C ASN E 8 0.19 -32.14 17.19
N PRO E 9 -0.87 -32.96 17.27
CA PRO E 9 -1.69 -33.46 16.16
C PRO E 9 -2.71 -32.44 15.66
N ALA E 10 -3.23 -32.69 14.47
CA ALA E 10 -4.19 -31.80 13.83
C ALA E 10 -5.53 -31.86 14.52
N THR E 11 -6.18 -30.70 14.64
CA THR E 11 -7.52 -30.59 15.19
C THR E 11 -8.48 -30.36 13.97
N ASP E 12 -9.54 -29.54 14.08
CA ASP E 12 -10.40 -29.25 12.93
C ASP E 12 -9.72 -28.30 11.92
N VAL E 13 -8.68 -27.56 12.35
CA VAL E 13 -7.95 -26.63 11.49
C VAL E 13 -6.45 -26.88 11.66
N VAL E 14 -5.73 -27.11 10.55
CA VAL E 14 -4.29 -27.32 10.57
C VAL E 14 -3.69 -26.17 9.78
N THR E 15 -2.69 -25.47 10.35
CA THR E 15 -2.03 -24.42 9.62
C THR E 15 -0.88 -25.01 8.82
N LEU E 16 -0.90 -24.83 7.49
CA LEU E 16 0.17 -25.29 6.64
C LEU E 16 1.02 -24.07 6.34
N GLN E 17 2.35 -24.25 6.30
CA GLN E 17 3.26 -23.19 5.96
C GLN E 17 4.27 -23.73 4.98
N LEU E 18 4.49 -23.03 3.87
CA LEU E 18 5.50 -23.44 2.92
C LEU E 18 6.83 -22.88 3.38
N THR E 19 7.73 -23.74 3.83
CA THR E 19 9.04 -23.29 4.34
C THR E 19 10.18 -23.77 3.40
N GLU E 20 11.44 -23.41 3.71
CA GLU E 20 12.58 -23.81 2.89
C GLU E 20 13.82 -23.81 3.77
N THR E 21 14.79 -24.68 3.46
CA THR E 21 16.04 -24.71 4.21
C THR E 21 16.97 -23.75 3.50
N ASP E 22 17.35 -22.67 4.16
CA ASP E 22 18.22 -21.66 3.56
C ASP E 22 19.59 -22.28 3.16
N GLU E 23 20.04 -22.04 1.93
CA GLU E 23 21.29 -22.64 1.45
C GLU E 23 22.56 -22.07 2.08
N VAL E 24 22.46 -20.88 2.69
CA VAL E 24 23.60 -20.25 3.33
C VAL E 24 23.64 -20.56 4.82
N SER E 25 22.52 -20.30 5.52
CA SER E 25 22.45 -20.41 6.96
C SER E 25 21.99 -21.75 7.50
N GLY E 26 21.34 -22.57 6.67
CA GLY E 26 20.83 -23.86 7.11
C GLY E 26 19.55 -23.78 7.94
N LEU E 27 19.03 -22.56 8.18
CA LEU E 27 17.83 -22.33 8.98
C LEU E 27 16.53 -22.45 8.18
N SER E 28 15.41 -22.65 8.88
CA SER E 28 14.10 -22.80 8.26
CA SER E 28 14.09 -22.80 8.29
C SER E 28 13.46 -21.44 7.98
N VAL E 29 13.34 -21.09 6.71
CA VAL E 29 12.78 -19.82 6.27
C VAL E 29 11.32 -19.99 5.83
N LEU E 30 10.46 -19.02 6.15
CA LEU E 30 9.07 -19.00 5.73
C LEU E 30 9.04 -18.23 4.38
N SER E 31 8.68 -18.91 3.26
CA SER E 31 8.67 -18.33 1.91
C SER E 31 7.60 -17.25 1.63
N THR E 32 7.79 -16.44 0.53
CA THR E 32 6.89 -15.39 0.00
C THR E 32 6.60 -15.66 -1.57
N GLU E 33 6.43 -14.61 -2.48
CA GLU E 33 6.20 -14.68 -3.96
C GLU E 33 4.73 -15.10 -4.33
N ARG E 34 4.05 -15.77 -3.39
CA ARG E 34 2.66 -16.20 -3.51
C ARG E 34 2.33 -16.89 -4.86
N SER E 35 3.14 -17.88 -5.24
CA SER E 35 2.91 -18.68 -6.44
C SER E 35 1.81 -19.70 -6.11
N ALA E 36 0.97 -20.03 -7.09
CA ALA E 36 -0.09 -21.00 -6.86
C ALA E 36 0.46 -22.39 -6.58
N TYR E 37 -0.24 -23.11 -5.72
CA TYR E 37 0.06 -24.48 -5.40
C TYR E 37 -1.22 -25.22 -4.97
N GLU E 38 -1.11 -26.54 -4.94
CA GLU E 38 -2.20 -27.42 -4.60
C GLU E 38 -1.83 -28.17 -3.34
N ILE E 39 -2.80 -28.27 -2.41
CA ILE E 39 -2.64 -29.00 -1.15
C ILE E 39 -3.61 -30.18 -1.23
N GLN E 40 -3.12 -31.41 -1.10
CA GLN E 40 -3.94 -32.61 -1.14
C GLN E 40 -3.90 -33.33 0.19
N ILE E 41 -5.07 -33.80 0.65
CA ILE E 41 -5.21 -34.55 1.89
C ILE E 41 -5.46 -35.99 1.48
N TRP E 42 -4.55 -36.89 1.89
CA TRP E 42 -4.61 -38.30 1.54
C TRP E 42 -4.88 -39.17 2.72
N SER E 43 -5.62 -40.25 2.55
CA SER E 43 -5.80 -41.27 3.59
C SER E 43 -6.18 -42.60 2.97
N GLY E 44 -5.55 -43.68 3.39
CA GLY E 44 -5.83 -45.02 2.81
C GLY E 44 -5.58 -45.06 1.31
N MSE E 45 -4.53 -44.35 0.86
CA MSE E 45 -4.14 -44.29 -0.56
C MSE E 45 -5.23 -43.66 -1.45
O MSE E 45 -5.35 -43.98 -2.64
CB MSE E 45 -3.69 -45.66 -1.07
CG MSE E 45 -2.41 -46.17 -0.41
SE MSE E 45 -0.86 -45.03 -0.85
CE MSE E 45 -0.60 -45.61 -2.73
N ARG E 46 -5.99 -42.73 -0.87
CA ARG E 46 -7.06 -42.01 -1.56
C ARG E 46 -6.94 -40.55 -1.29
N MSE E 47 -6.98 -39.73 -2.34
CA MSE E 47 -6.96 -38.27 -2.24
CA MSE E 47 -6.96 -38.28 -2.21
C MSE E 47 -8.40 -37.90 -1.88
O MSE E 47 -9.31 -38.06 -2.70
CB MSE E 47 -6.59 -37.69 -3.62
CB MSE E 47 -6.52 -37.61 -3.52
CG MSE E 47 -5.76 -36.42 -3.56
CG MSE E 47 -5.95 -36.20 -3.31
SE MSE E 47 -6.78 -34.90 -2.95
SE MSE E 47 -6.48 -34.93 -4.70
CE MSE E 47 -8.36 -35.02 -4.15
CE MSE E 47 -8.39 -34.80 -4.23
N LEU E 48 -8.63 -37.42 -0.65
CA LEU E 48 -9.98 -37.11 -0.19
C LEU E 48 -10.45 -35.70 -0.49
N ARG E 49 -9.55 -34.75 -0.36
CA ARG E 49 -9.86 -33.36 -0.60
C ARG E 49 -8.62 -32.57 -0.99
N SER E 50 -8.82 -31.55 -1.81
CA SER E 50 -7.75 -30.67 -2.23
C SER E 50 -8.16 -29.22 -2.07
N PHE E 51 -7.17 -28.37 -1.91
CA PHE E 51 -7.33 -26.94 -1.74
C PHE E 51 -6.31 -26.28 -2.64
N ARG E 52 -6.73 -25.24 -3.39
CA ARG E 52 -5.77 -24.50 -4.20
C ARG E 52 -5.65 -23.09 -3.69
N THR E 53 -4.41 -22.61 -3.61
CA THR E 53 -4.17 -21.31 -3.04
C THR E 53 -2.82 -20.74 -3.53
N ASN E 54 -2.68 -19.43 -3.36
CA ASN E 54 -1.44 -18.67 -3.57
C ASN E 54 -0.82 -18.28 -2.21
N GLU E 55 -1.52 -18.51 -1.05
CA GLU E 55 -0.98 -18.15 0.25
C GLU E 55 -0.02 -19.20 0.82
N PRO E 56 1.23 -18.80 1.09
CA PRO E 56 2.20 -19.75 1.68
C PRO E 56 1.81 -20.23 3.09
N THR E 57 0.93 -19.47 3.80
CA THR E 57 0.39 -19.83 5.11
C THR E 57 -1.11 -20.05 4.90
N PHE E 58 -1.58 -21.27 5.11
CA PHE E 58 -2.97 -21.61 4.81
C PHE E 58 -3.59 -22.54 5.81
N GLN E 59 -4.78 -22.19 6.31
CA GLN E 59 -5.49 -23.05 7.24
C GLN E 59 -6.27 -24.12 6.47
N ILE E 60 -5.91 -25.37 6.68
CA ILE E 60 -6.62 -26.47 6.06
C ILE E 60 -7.80 -26.88 6.89
N PRO E 61 -9.03 -26.77 6.37
CA PRO E 61 -10.19 -27.27 7.13
C PRO E 61 -10.18 -28.81 7.06
N MSE E 62 -10.01 -29.43 8.20
CA MSE E 62 -10.07 -30.88 8.32
C MSE E 62 -11.47 -31.34 8.83
O MSE E 62 -11.63 -32.49 9.21
CB MSE E 62 -8.94 -31.36 9.26
CG MSE E 62 -7.55 -30.95 8.79
SE MSE E 62 -6.99 -32.13 7.34
CE MSE E 62 -5.10 -31.51 7.10
N ALA E 63 -12.48 -30.43 8.82
CA ALA E 63 -13.85 -30.70 9.27
C ALA E 63 -14.45 -31.83 8.46
N GLY E 64 -15.10 -32.75 9.15
CA GLY E 64 -15.71 -33.91 8.51
C GLY E 64 -14.79 -35.11 8.41
N LEU E 65 -13.48 -34.94 8.63
CA LEU E 65 -12.55 -36.05 8.52
C LEU E 65 -12.39 -36.80 9.84
N PRO E 66 -12.57 -38.13 9.86
CA PRO E 66 -12.42 -38.89 11.11
C PRO E 66 -10.98 -38.96 11.59
N ALA E 67 -10.81 -39.26 12.87
CA ALA E 67 -9.49 -39.36 13.48
C ALA E 67 -8.67 -40.48 12.82
N GLY E 68 -7.37 -40.25 12.71
CA GLY E 68 -6.50 -41.24 12.11
C GLY E 68 -5.30 -40.70 11.37
N LEU E 69 -4.70 -41.56 10.54
CA LEU E 69 -3.48 -41.29 9.80
C LEU E 69 -3.84 -40.67 8.48
N TYR E 70 -3.22 -39.52 8.19
CA TYR E 70 -3.39 -38.78 6.95
C TYR E 70 -2.01 -38.42 6.41
N PHE E 71 -1.96 -38.01 5.15
CA PHE E 71 -0.74 -37.51 4.54
C PHE E 71 -1.10 -36.21 3.81
N VAL E 72 -0.40 -35.13 4.14
CA VAL E 72 -0.61 -33.86 3.47
C VAL E 72 0.42 -33.76 2.37
N ARG E 73 -0.01 -33.53 1.13
CA ARG E 73 0.87 -33.42 -0.03
C ARG E 73 0.71 -32.07 -0.76
N VAL E 74 1.82 -31.33 -0.91
CA VAL E 74 1.79 -30.07 -1.62
C VAL E 74 2.44 -30.30 -2.99
N VAL E 75 1.79 -29.84 -4.06
CA VAL E 75 2.36 -29.90 -5.40
C VAL E 75 2.58 -28.45 -5.83
N LYS E 76 3.84 -28.01 -5.95
CA LYS E 76 4.16 -26.63 -6.30
C LYS E 76 5.29 -26.56 -7.34
N ASN E 77 4.97 -26.08 -8.55
CA ASN E 77 5.95 -25.96 -9.64
C ASN E 77 6.66 -27.29 -9.92
N GLY E 78 5.88 -28.37 -10.04
CA GLY E 78 6.41 -29.71 -10.27
C GLY E 78 7.00 -30.40 -9.06
N GLN E 79 7.37 -29.63 -8.03
CA GLN E 79 7.94 -30.18 -6.80
C GLN E 79 6.84 -30.66 -5.85
N THR E 80 7.00 -31.85 -5.27
CA THR E 80 6.02 -32.35 -4.31
C THR E 80 6.66 -32.56 -2.96
N TYR E 81 5.91 -32.25 -1.89
CA TYR E 81 6.33 -32.43 -0.51
C TYR E 81 5.20 -33.21 0.18
N THR E 82 5.54 -34.31 0.83
CA THR E 82 4.53 -35.15 1.49
C THR E 82 4.92 -35.35 2.92
N GLN E 83 3.96 -35.10 3.82
CA GLN E 83 4.21 -35.27 5.23
C GLN E 83 3.06 -35.98 5.95
N LYS E 84 3.40 -36.93 6.81
CA LYS E 84 2.43 -37.68 7.59
C LYS E 84 1.82 -36.72 8.64
N LEU E 85 0.49 -36.79 8.81
CA LEU E 85 -0.25 -35.94 9.72
C LEU E 85 -1.26 -36.79 10.48
N ILE E 86 -1.20 -36.75 11.81
CA ILE E 86 -2.16 -37.48 12.62
C ILE E 86 -3.30 -36.54 13.05
N LYS E 87 -4.55 -36.94 12.80
CA LYS E 87 -5.70 -36.14 13.21
C LYS E 87 -6.30 -36.77 14.45
N LYS E 88 -6.42 -35.98 15.53
CA LYS E 88 -6.98 -36.46 16.79
C LYS E 88 -8.50 -36.24 16.84
N GLY F 1 9.40 1.15 8.58
CA GLY F 1 9.63 0.90 7.16
C GLY F 1 9.69 -0.58 6.84
N SER F 2 9.06 -1.00 5.72
CA SER F 2 9.07 -2.41 5.34
C SER F 2 9.37 -2.61 3.85
N LEU F 3 10.15 -3.65 3.51
CA LEU F 3 10.52 -3.96 2.12
C LEU F 3 9.91 -5.28 1.65
N THR F 4 9.20 -5.28 0.51
CA THR F 4 8.68 -6.51 -0.07
C THR F 4 9.07 -6.62 -1.53
N LEU F 5 9.55 -7.79 -1.98
CA LEU F 5 9.95 -8.03 -3.35
C LEU F 5 9.03 -9.11 -3.93
N SER F 6 8.50 -8.91 -5.15
CA SER F 6 7.58 -9.88 -5.77
C SER F 6 7.85 -10.04 -7.27
N PRO F 7 7.88 -11.27 -7.78
CA PRO F 7 7.69 -12.54 -7.08
C PRO F 7 9.03 -13.13 -6.67
N ASP F 12 12.17 -11.16 -15.07
CA ASP F 12 12.84 -9.98 -15.64
C ASP F 12 12.43 -8.67 -14.95
N VAL F 13 11.29 -8.65 -14.25
CA VAL F 13 10.86 -7.46 -13.53
C VAL F 13 10.60 -7.84 -12.06
N VAL F 14 11.22 -7.11 -11.11
CA VAL F 14 10.99 -7.36 -9.71
C VAL F 14 10.16 -6.20 -9.15
N THR F 15 8.97 -6.48 -8.64
CA THR F 15 8.14 -5.45 -8.03
C THR F 15 8.64 -5.21 -6.60
N LEU F 16 9.13 -4.02 -6.31
CA LEU F 16 9.59 -3.65 -4.98
C LEU F 16 8.49 -2.79 -4.31
N GLN F 17 8.16 -3.07 -3.05
CA GLN F 17 7.18 -2.28 -2.29
C GLN F 17 7.79 -1.82 -0.98
N LEU F 18 7.68 -0.52 -0.71
CA LEU F 18 8.15 0.13 0.52
C LEU F 18 6.96 0.73 1.27
N THR F 19 6.35 -0.05 2.17
CA THR F 19 5.22 0.47 2.94
C THR F 19 5.68 0.97 4.30
N GLU F 20 4.94 1.90 4.89
CA GLU F 20 5.20 2.35 6.25
C GLU F 20 4.31 1.53 7.17
N THR F 21 4.83 1.12 8.31
CA THR F 21 4.03 0.38 9.27
C THR F 21 3.34 1.42 10.14
N ASP F 22 2.02 1.46 10.10
CA ASP F 22 1.26 2.44 10.88
C ASP F 22 1.52 2.26 12.39
N GLU F 23 1.88 3.35 13.07
CA GLU F 23 2.21 3.27 14.50
C GLU F 23 1.03 2.94 15.40
N VAL F 24 -0.20 3.13 14.91
CA VAL F 24 -1.38 2.85 15.68
C VAL F 24 -1.91 1.45 15.37
N SER F 25 -2.20 1.17 14.10
CA SER F 25 -2.81 -0.09 13.68
C SER F 25 -1.84 -1.22 13.40
N GLY F 26 -0.57 -0.93 13.19
CA GLY F 26 0.38 -1.98 12.83
C GLY F 26 0.21 -2.48 11.40
N LEU F 27 -0.69 -1.86 10.60
CA LEU F 27 -0.91 -2.25 9.21
C LEU F 27 0.04 -1.56 8.22
N SER F 28 0.17 -2.11 7.00
CA SER F 28 1.07 -1.56 6.00
C SER F 28 0.37 -0.47 5.20
N VAL F 29 0.84 0.76 5.32
CA VAL F 29 0.28 1.91 4.64
C VAL F 29 1.10 2.27 3.38
N LEU F 30 0.44 2.54 2.24
CA LEU F 30 1.11 3.00 1.03
C LEU F 30 1.12 4.51 1.23
N SER F 31 2.22 5.08 1.74
CA SER F 31 2.24 6.49 2.11
C SER F 31 2.29 7.46 0.95
N THR F 32 1.67 8.64 1.14
CA THR F 32 1.71 9.71 0.14
C THR F 32 2.98 10.58 0.34
N GLU F 33 3.81 10.34 1.39
CA GLU F 33 5.02 11.11 1.66
C GLU F 33 5.95 11.09 0.46
N ARG F 34 6.08 9.91 -0.17
CA ARG F 34 6.88 9.71 -1.37
C ARG F 34 8.26 10.35 -1.28
N SER F 35 9.00 9.98 -0.21
CA SER F 35 10.35 10.47 -0.02
C SER F 35 11.24 9.73 -1.00
N ALA F 36 12.28 10.39 -1.53
CA ALA F 36 13.17 9.74 -2.49
C ALA F 36 14.02 8.71 -1.80
N TYR F 37 14.35 7.65 -2.52
CA TYR F 37 15.23 6.62 -2.01
C TYR F 37 16.07 5.99 -3.14
N GLU F 38 17.02 5.14 -2.78
CA GLU F 38 17.87 4.46 -3.73
C GLU F 38 17.66 2.95 -3.61
N ILE F 39 17.56 2.29 -4.75
CA ILE F 39 17.45 0.83 -4.81
C ILE F 39 18.76 0.34 -5.45
N GLN F 40 19.53 -0.48 -4.75
CA GLN F 40 20.78 -1.03 -5.28
C GLN F 40 20.61 -2.53 -5.55
N ILE F 41 21.21 -3.03 -6.65
CA ILE F 41 21.16 -4.46 -6.97
C ILE F 41 22.58 -4.97 -6.84
N TRP F 42 22.82 -5.82 -5.85
CA TRP F 42 24.17 -6.32 -5.58
C TRP F 42 24.27 -7.79 -5.93
N SER F 43 25.47 -8.23 -6.35
CA SER F 43 25.79 -9.66 -6.51
C SER F 43 27.31 -9.76 -6.45
N GLY F 44 27.80 -10.80 -5.78
CA GLY F 44 29.25 -10.97 -5.65
C GLY F 44 29.95 -9.79 -4.98
N MSE F 45 29.29 -9.21 -3.96
CA MSE F 45 29.81 -8.06 -3.23
C MSE F 45 30.10 -6.85 -4.13
O MSE F 45 31.01 -6.06 -3.87
CB MSE F 45 31.04 -8.48 -2.41
CG MSE F 45 30.68 -9.46 -1.28
SE MSE F 45 29.53 -8.60 0.03
CE MSE F 45 30.95 -7.48 0.98
N ARG F 46 29.30 -6.71 -5.20
CA ARG F 46 29.45 -5.62 -6.15
C ARG F 46 28.12 -4.96 -6.37
N MSE F 47 28.10 -3.62 -6.38
N MSE F 47 28.09 -3.61 -6.39
CA MSE F 47 26.88 -2.91 -6.67
CA MSE F 47 26.85 -2.89 -6.67
C MSE F 47 26.84 -2.86 -8.19
C MSE F 47 26.77 -2.78 -8.18
O MSE F 47 27.77 -2.30 -8.81
O MSE F 47 27.58 -2.08 -8.78
CB MSE F 47 26.88 -1.51 -6.02
CB MSE F 47 26.86 -1.49 -6.02
CG MSE F 47 25.51 -1.08 -5.55
CG MSE F 47 25.47 -1.01 -5.58
SE MSE F 47 24.42 -0.51 -7.04
SE MSE F 47 25.06 0.83 -6.12
CE MSE F 47 25.45 1.10 -7.54
CE MSE F 47 25.60 0.71 -8.01
N LEU F 48 25.89 -3.57 -8.80
CA LEU F 48 25.79 -3.68 -10.28
C LEU F 48 24.94 -2.64 -10.93
N ARG F 49 23.86 -2.26 -10.26
CA ARG F 49 22.97 -1.25 -10.79
C ARG F 49 22.14 -0.63 -9.70
N SER F 50 21.83 0.64 -9.87
CA SER F 50 21.03 1.38 -8.93
C SER F 50 19.95 2.14 -9.63
N PHE F 51 18.86 2.41 -8.90
CA PHE F 51 17.70 3.14 -9.37
C PHE F 51 17.34 4.15 -8.32
N ARG F 52 16.83 5.31 -8.75
CA ARG F 52 16.40 6.37 -7.86
C ARG F 52 14.99 6.74 -8.14
N THR F 53 14.17 6.77 -7.08
CA THR F 53 12.75 7.05 -7.22
C THR F 53 12.15 7.58 -5.93
N ASN F 54 10.99 8.19 -6.04
CA ASN F 54 10.19 8.61 -4.87
C ASN F 54 8.95 7.69 -4.73
N GLU F 55 8.77 6.70 -5.63
CA GLU F 55 7.59 5.88 -5.66
C GLU F 55 7.72 4.70 -4.73
N PRO F 56 6.74 4.49 -3.83
CA PRO F 56 6.82 3.34 -2.90
C PRO F 56 6.68 1.98 -3.57
N THR F 57 6.15 1.96 -4.79
CA THR F 57 6.02 0.73 -5.55
C THR F 57 6.85 0.98 -6.78
N PHE F 58 7.87 0.15 -7.02
CA PHE F 58 8.75 0.38 -8.17
C PHE F 58 9.07 -0.92 -8.89
N GLN F 59 8.94 -0.93 -10.23
CA GLN F 59 9.29 -2.11 -11.03
C GLN F 59 10.78 -2.05 -11.34
N ILE F 60 11.56 -3.01 -10.79
CA ILE F 60 12.98 -3.09 -11.03
C ILE F 60 13.27 -3.92 -12.29
N PRO F 61 13.86 -3.32 -13.32
CA PRO F 61 14.24 -4.12 -14.50
C PRO F 61 15.51 -4.93 -14.22
N MSE F 62 15.36 -6.26 -14.16
CA MSE F 62 16.52 -7.15 -13.98
C MSE F 62 17.11 -7.59 -15.33
O MSE F 62 17.98 -8.47 -15.34
CB MSE F 62 16.14 -8.39 -13.14
CG MSE F 62 15.66 -8.04 -11.74
SE MSE F 62 17.03 -7.26 -10.60
CE MSE F 62 18.01 -8.93 -10.13
N ALA F 63 16.67 -6.98 -16.47
CA ALA F 63 17.16 -7.32 -17.81
C ALA F 63 18.67 -7.19 -17.86
N GLY F 64 19.33 -8.18 -18.47
CA GLY F 64 20.78 -8.15 -18.56
C GLY F 64 21.51 -8.76 -17.37
N LEU F 65 20.76 -9.20 -16.33
CA LEU F 65 21.40 -9.83 -15.19
C LEU F 65 21.24 -11.34 -15.28
N PRO F 66 22.33 -12.12 -15.19
CA PRO F 66 22.19 -13.58 -15.28
C PRO F 66 21.57 -14.20 -14.04
N ALA F 67 21.24 -15.51 -14.12
CA ALA F 67 20.67 -16.23 -13.00
C ALA F 67 21.68 -16.28 -11.84
N GLY F 68 21.16 -16.22 -10.61
CA GLY F 68 22.04 -16.27 -9.45
C GLY F 68 21.54 -15.60 -8.19
N LEU F 69 22.44 -15.43 -7.24
CA LEU F 69 22.15 -14.84 -5.95
C LEU F 69 22.36 -13.32 -5.94
N TYR F 70 21.32 -12.57 -5.67
CA TYR F 70 21.38 -11.12 -5.58
C TYR F 70 20.97 -10.63 -4.20
N PHE F 71 21.24 -9.36 -3.92
CA PHE F 71 20.78 -8.68 -2.71
C PHE F 71 20.21 -7.35 -3.12
N VAL F 72 18.94 -7.08 -2.79
CA VAL F 72 18.33 -5.80 -3.11
C VAL F 72 18.42 -4.93 -1.86
N ARG F 73 19.03 -3.75 -2.00
CA ARG F 73 19.18 -2.85 -0.87
C ARG F 73 18.49 -1.50 -1.11
N VAL F 74 17.64 -1.10 -0.17
CA VAL F 74 16.99 0.21 -0.23
C VAL F 74 17.72 1.12 0.74
N VAL F 75 18.17 2.27 0.27
CA VAL F 75 18.79 3.28 1.13
C VAL F 75 17.78 4.44 1.16
N LYS F 76 17.27 4.75 2.35
CA LYS F 76 16.25 5.77 2.49
C LYS F 76 16.45 6.54 3.75
N ASN F 77 16.89 7.81 3.62
CA ASN F 77 17.08 8.75 4.73
C ASN F 77 17.88 8.12 5.89
N GLY F 78 19.06 7.62 5.57
CA GLY F 78 19.91 6.96 6.56
C GLY F 78 19.63 5.48 6.74
N GLN F 79 18.34 5.09 6.81
CA GLN F 79 17.87 3.72 6.99
C GLN F 79 18.08 2.79 5.76
N THR F 80 18.65 1.59 5.98
CA THR F 80 18.79 0.62 4.90
C THR F 80 17.97 -0.63 5.17
N TYR F 81 17.46 -1.25 4.10
CA TYR F 81 16.70 -2.48 4.14
C TYR F 81 17.34 -3.38 3.10
N THR F 82 17.83 -4.56 3.49
CA THR F 82 18.49 -5.47 2.53
C THR F 82 17.79 -6.82 2.50
N GLN F 83 17.54 -7.36 1.30
CA GLN F 83 16.89 -8.64 1.19
C GLN F 83 17.49 -9.52 0.06
N LYS F 84 17.78 -10.80 0.37
CA LYS F 84 18.30 -11.77 -0.57
C LYS F 84 17.23 -12.01 -1.63
N LEU F 85 17.63 -12.01 -2.90
CA LEU F 85 16.73 -12.22 -4.03
C LEU F 85 17.38 -13.22 -5.00
N ILE F 86 16.70 -14.35 -5.31
CA ILE F 86 17.26 -15.34 -6.23
C ILE F 86 16.69 -15.10 -7.62
N LYS F 87 17.55 -14.88 -8.62
CA LYS F 87 17.05 -14.71 -10.00
C LYS F 87 17.17 -16.04 -10.76
CL CL G . -7.90 13.78 17.57
C1 PEG H . -14.56 12.71 17.13
O1 PEG H . -15.50 12.91 16.10
C2 PEG H . -13.27 13.39 16.84
O2 PEG H . -12.40 12.53 16.13
C3 PEG H . -11.25 13.17 15.62
C4 PEG H . -10.14 12.19 15.44
O4 PEG H . -10.53 11.08 14.68
CL CL I . 8.61 37.52 -17.31
K K J . 5.56 35.53 -7.73
C1 PEG K . 7.15 34.88 -19.42
O1 PEG K . 6.23 35.30 -20.42
C2 PEG K . 8.57 35.01 -19.86
O2 PEG K . 8.82 34.17 -20.98
C3 PEG K . 10.15 34.25 -21.45
C4 PEG K . 10.23 33.76 -22.87
O4 PEG K . 9.98 32.37 -22.97
CL CL L . -15.67 1.30 -23.17
C1 PEG M . -21.04 -1.10 -19.26
O1 PEG M . -21.08 -1.45 -17.89
C2 PEG M . -19.65 -1.02 -19.80
O2 PEG M . -19.03 0.20 -19.40
C3 PEG M . -17.92 0.54 -20.21
C4 PEG M . -16.98 1.46 -19.48
O4 PEG M . -17.47 2.78 -19.43
CL CL N . -8.48 -2.02 22.06
C1 PEG O . -2.92 0.12 25.73
O1 PEG O . -1.64 -0.50 25.84
C2 PEG O . -3.93 -0.80 25.13
O2 PEG O . -3.79 -0.83 23.72
C3 PEG O . -4.97 -1.21 23.04
C4 PEG O . -4.65 -1.56 21.61
O4 PEG O . -4.31 -0.42 20.85
CL CL P . -2.33 -42.17 2.07
K K Q . -5.94 -35.41 8.79
C1 PEG R . 0.62 -40.64 0.53
O1 PEG R . 1.79 -41.40 0.75
C2 PEG R . -0.19 -41.15 -0.62
O2 PEG R . 0.58 -41.11 -1.81
C3 PEG R . -0.13 -41.63 -2.93
C4 PEG R . 0.81 -41.87 -4.07
O4 PEG R . 1.37 -40.66 -4.57
CL CL S . 26.35 -9.16 -2.67
C1 PEG T . 24.96 -7.28 0.29
O1 PEG T . 24.74 -8.18 1.35
C2 PEG T . 26.36 -6.75 0.29
O2 PEG T . 26.46 -5.57 1.08
C3 PEG T . 27.70 -4.90 0.92
C4 PEG T . 28.10 -4.24 2.21
O4 PEG T . 27.39 -3.05 2.43
#